data_2XIO
#
_entry.id   2XIO
#
_cell.length_a   38.480
_cell.length_b   50.940
_cell.length_c   155.240
_cell.angle_alpha   90.00
_cell.angle_beta   90.00
_cell.angle_gamma   90.00
#
_symmetry.space_group_name_H-M   'P 21 21 21'
#
loop_
_entity.id
_entity.type
_entity.pdbx_description
1 polymer 'PUTATIVE DEOXYRIBONUCLEASE TATDN1'
2 non-polymer 'SODIUM ION'
3 non-polymer 'NICKEL (II) ION'
4 non-polymer 1,2-ETHANEDIOL
5 water water
#
_entity_poly.entity_id   1
_entity_poly.type   'polypeptide(L)'
_entity_poly.pdbx_seq_one_letter_code
;MKFIDIGINLTDPMFRGIYRGVQKHQDDLQDVIGRAVEIGVKKFMITGGNLQDSKDALHLAQTNGMFFSTVGCHPTRCGE
FEKNNPDLYLKELLNLAENNKGKVVAIGECGLDFDRLQFCPKDTQLKYFEKQFELSEQTKLPMFLHCRNSHAEFLDITKR
NRDRCVGGVVHSFDGTKEAAAALIDLDLYIGFNGCSLKTEANLEVLKSIPSEKLMIETDAPWCGVKSTHAGSKYIRTAFP
TKKKWESGHCLKDRNEPCHIIQILEIMSAVRDEDPLELANTLYNNTIKVFFPVIAENLYFQ
;
_entity_poly.pdbx_strand_id   A
#
# COMPACT_ATOMS: atom_id res chain seq x y z
N MET A 1 -3.27 -6.29 -19.91
CA MET A 1 -3.68 -5.33 -18.89
C MET A 1 -2.43 -4.64 -18.39
N LYS A 2 -2.62 -3.52 -17.69
N LYS A 2 -2.62 -3.50 -17.71
CA LYS A 2 -1.53 -2.78 -17.07
CA LYS A 2 -1.54 -2.75 -17.07
C LYS A 2 -1.88 -2.40 -15.63
C LYS A 2 -1.91 -2.50 -15.62
N PHE A 3 -0.91 -2.54 -14.73
CA PHE A 3 -1.10 -2.30 -13.31
C PHE A 3 -0.01 -1.44 -12.73
N ILE A 4 -0.37 -0.70 -11.68
CA ILE A 4 0.56 -0.09 -10.74
C ILE A 4 0.23 -0.65 -9.37
N ASP A 5 1.16 -1.40 -8.76
CA ASP A 5 0.93 -1.92 -7.40
C ASP A 5 1.28 -0.81 -6.42
N ILE A 6 0.24 -0.17 -5.85
CA ILE A 6 0.50 0.96 -4.97
C ILE A 6 1.10 0.59 -3.62
N GLY A 7 1.13 -0.69 -3.25
CA GLY A 7 1.64 -1.07 -1.93
C GLY A 7 2.24 -2.45 -2.00
N ILE A 8 3.53 -2.53 -2.32
CA ILE A 8 4.23 -3.80 -2.47
C ILE A 8 5.44 -3.77 -1.57
N ASN A 9 5.59 -4.77 -0.72
CA ASN A 9 6.71 -4.83 0.24
C ASN A 9 7.87 -5.56 -0.39
N LEU A 10 8.42 -4.98 -1.46
CA LEU A 10 9.44 -5.65 -2.25
C LEU A 10 10.75 -5.89 -1.51
N THR A 11 10.98 -5.14 -0.44
CA THR A 11 12.16 -5.28 0.42
C THR A 11 12.01 -6.45 1.39
N ASP A 12 10.87 -7.14 1.42
CA ASP A 12 10.71 -8.20 2.40
C ASP A 12 11.75 -9.28 2.18
N PRO A 13 12.40 -9.77 3.27
CA PRO A 13 13.39 -10.85 3.12
C PRO A 13 12.86 -12.15 2.50
N MET A 14 11.54 -12.40 2.58
N MET A 14 11.54 -12.44 2.59
CA MET A 14 10.88 -13.57 1.99
CA MET A 14 11.01 -13.66 1.95
C MET A 14 11.21 -13.66 0.48
C MET A 14 11.34 -13.70 0.46
N PHE A 15 11.35 -12.50 -0.20
CA PHE A 15 11.64 -12.45 -1.63
C PHE A 15 13.08 -12.77 -1.94
N ARG A 16 13.95 -12.79 -0.94
CA ARG A 16 15.34 -13.19 -1.09
C ARG A 16 15.51 -14.62 -0.53
N GLY A 17 14.43 -15.30 -0.17
CA GLY A 17 14.48 -16.64 0.41
C GLY A 17 14.93 -16.69 1.86
N ILE A 18 14.94 -15.54 2.56
CA ILE A 18 15.49 -15.37 3.92
C ILE A 18 14.42 -15.30 4.96
N TYR A 19 14.56 -16.15 6.00
CA TYR A 19 13.63 -16.30 7.13
C TYR A 19 14.46 -16.24 8.40
N ARG A 20 14.20 -15.20 9.23
CA ARG A 20 14.91 -14.88 10.45
C ARG A 20 16.43 -15.06 10.37
N GLY A 21 17.03 -14.47 9.33
CA GLY A 21 18.47 -14.55 9.14
C GLY A 21 19.00 -15.87 8.61
N VAL A 22 18.11 -16.75 8.10
N VAL A 22 18.11 -16.75 8.12
CA VAL A 22 18.46 -18.07 7.57
CA VAL A 22 18.51 -18.03 7.54
C VAL A 22 18.03 -18.17 6.11
C VAL A 22 18.06 -18.13 6.09
N GLN A 23 18.95 -18.62 5.24
CA GLN A 23 18.67 -18.82 3.83
C GLN A 23 17.85 -20.14 3.67
N LYS A 24 16.54 -20.04 3.49
CA LYS A 24 15.66 -21.21 3.33
C LYS A 24 15.57 -21.74 1.88
N HIS A 25 15.61 -20.84 0.89
CA HIS A 25 15.63 -21.19 -0.53
C HIS A 25 16.36 -20.11 -1.27
N GLN A 26 16.70 -20.40 -2.51
CA GLN A 26 17.39 -19.50 -3.41
C GLN A 26 16.67 -18.14 -3.49
N ASP A 27 17.43 -17.05 -3.50
CA ASP A 27 16.90 -15.71 -3.68
C ASP A 27 16.23 -15.68 -5.06
N ASP A 28 14.91 -15.41 -5.08
CA ASP A 28 14.16 -15.39 -6.33
C ASP A 28 13.48 -14.06 -6.58
N LEU A 29 14.03 -12.97 -6.01
CA LEU A 29 13.41 -11.66 -6.19
C LEU A 29 13.29 -11.26 -7.66
N GLN A 30 14.34 -11.47 -8.46
CA GLN A 30 14.23 -11.12 -9.87
C GLN A 30 13.19 -11.94 -10.59
N ASP A 31 13.03 -13.23 -10.26
CA ASP A 31 12.00 -14.06 -10.85
C ASP A 31 10.60 -13.55 -10.46
N VAL A 32 10.44 -13.13 -9.22
CA VAL A 32 9.18 -12.54 -8.71
C VAL A 32 8.86 -11.30 -9.50
N ILE A 33 9.86 -10.43 -9.67
CA ILE A 33 9.64 -9.19 -10.44
C ILE A 33 9.24 -9.55 -11.88
N GLY A 34 9.94 -10.51 -12.48
CA GLY A 34 9.63 -10.94 -13.85
C GLY A 34 8.23 -11.48 -14.04
N ARG A 35 7.72 -12.23 -13.06
CA ARG A 35 6.34 -12.74 -13.16
C ARG A 35 5.32 -11.59 -13.14
N ALA A 36 5.59 -10.58 -12.32
CA ALA A 36 4.70 -9.41 -12.22
C ALA A 36 4.75 -8.61 -13.52
N VAL A 37 5.94 -8.41 -14.07
CA VAL A 37 6.06 -7.70 -15.35
C VAL A 37 5.26 -8.44 -16.43
N GLU A 38 5.36 -9.77 -16.48
CA GLU A 38 4.65 -10.54 -17.47
C GLU A 38 3.13 -10.41 -17.39
N ILE A 39 2.56 -10.23 -16.18
CA ILE A 39 1.12 -10.05 -16.07
C ILE A 39 0.68 -8.59 -16.31
N GLY A 40 1.64 -7.68 -16.46
CA GLY A 40 1.33 -6.29 -16.78
C GLY A 40 1.66 -5.25 -15.73
N VAL A 41 2.40 -5.61 -14.67
CA VAL A 41 2.76 -4.59 -13.67
C VAL A 41 3.82 -3.67 -14.27
N LYS A 42 3.53 -2.38 -14.33
CA LYS A 42 4.41 -1.39 -14.95
C LYS A 42 5.21 -0.59 -13.94
N LYS A 43 4.61 -0.35 -12.75
CA LYS A 43 5.28 0.42 -11.67
C LYS A 43 4.99 -0.25 -10.37
N PHE A 44 5.94 -0.19 -9.47
CA PHE A 44 5.86 -0.82 -8.15
C PHE A 44 6.17 0.24 -7.09
N MET A 45 5.21 0.51 -6.16
CA MET A 45 5.44 1.48 -5.10
C MET A 45 5.84 0.73 -3.86
N ILE A 46 7.14 0.75 -3.56
CA ILE A 46 7.69 -0.01 -2.46
C ILE A 46 7.48 0.78 -1.19
N THR A 47 6.69 0.22 -0.30
CA THR A 47 6.30 0.94 0.90
C THR A 47 7.45 1.07 1.93
N GLY A 48 7.57 2.28 2.49
CA GLY A 48 8.42 2.58 3.63
C GLY A 48 7.55 2.81 4.83
N GLY A 49 8.01 2.39 6.00
CA GLY A 49 7.20 2.54 7.22
C GLY A 49 7.89 3.16 8.42
N ASN A 50 9.17 3.48 8.29
CA ASN A 50 9.90 4.26 9.29
C ASN A 50 11.11 4.86 8.57
N LEU A 51 12.00 5.55 9.27
CA LEU A 51 13.12 6.15 8.58
C LEU A 51 14.03 5.12 7.89
N GLN A 52 14.47 4.09 8.60
CA GLN A 52 15.38 3.12 8.02
C GLN A 52 14.72 2.31 6.90
N ASP A 53 13.48 1.90 7.11
CA ASP A 53 12.76 1.11 6.11
C ASP A 53 12.47 1.96 4.86
N SER A 54 12.29 3.28 5.03
CA SER A 54 12.09 4.17 3.88
C SER A 54 13.40 4.29 3.12
N LYS A 55 14.56 4.32 3.83
CA LYS A 55 15.84 4.30 3.16
C LYS A 55 16.02 2.97 2.40
N ASP A 56 15.62 1.85 3.02
CA ASP A 56 15.76 0.53 2.36
C ASP A 56 14.86 0.44 1.11
N ALA A 57 13.65 0.97 1.18
CA ALA A 57 12.71 0.98 0.07
C ALA A 57 13.29 1.82 -1.07
N LEU A 58 13.85 2.97 -0.73
CA LEU A 58 14.47 3.83 -1.74
C LEU A 58 15.66 3.14 -2.41
N HIS A 59 16.53 2.50 -1.60
N HIS A 59 16.52 2.49 -1.60
CA HIS A 59 17.71 1.82 -2.16
CA HIS A 59 17.68 1.80 -2.12
C HIS A 59 17.33 0.67 -3.10
C HIS A 59 17.26 0.72 -3.14
N LEU A 60 16.24 -0.07 -2.82
CA LEU A 60 15.78 -1.09 -3.75
C LEU A 60 15.13 -0.39 -4.96
N ALA A 61 14.40 0.70 -4.74
CA ALA A 61 13.77 1.39 -5.86
C ALA A 61 14.78 1.95 -6.86
N GLN A 62 16.01 2.30 -6.39
CA GLN A 62 17.04 2.80 -7.29
C GLN A 62 17.58 1.73 -8.24
N THR A 63 17.26 0.43 -8.01
CA THR A 63 17.76 -0.66 -8.86
C THR A 63 16.98 -0.86 -10.15
N ASN A 64 15.77 -0.25 -10.29
CA ASN A 64 14.96 -0.52 -11.46
C ASN A 64 14.10 0.69 -11.79
N GLY A 65 14.03 1.06 -13.06
CA GLY A 65 13.22 2.19 -13.51
C GLY A 65 11.73 2.03 -13.27
N MET A 66 11.26 0.81 -13.02
CA MET A 66 9.83 0.58 -12.71
C MET A 66 9.52 0.82 -11.23
N PHE A 67 10.54 1.05 -10.37
CA PHE A 67 10.33 1.08 -8.93
C PHE A 67 10.34 2.47 -8.37
N PHE A 68 9.49 2.68 -7.36
CA PHE A 68 9.31 3.92 -6.63
C PHE A 68 9.16 3.59 -5.17
N SER A 69 9.19 4.59 -4.31
CA SER A 69 9.08 4.32 -2.88
C SER A 69 8.34 5.41 -2.15
N THR A 70 8.06 5.17 -0.88
CA THR A 70 7.38 6.14 -0.02
C THR A 70 8.28 6.45 1.17
N VAL A 71 8.05 7.59 1.80
CA VAL A 71 8.78 8.00 3.02
C VAL A 71 7.77 8.38 4.08
N GLY A 72 7.88 7.76 5.25
CA GLY A 72 6.95 8.08 6.33
C GLY A 72 7.15 7.14 7.48
N CYS A 73 6.32 7.35 8.51
CA CYS A 73 6.40 6.56 9.73
C CYS A 73 5.03 5.95 10.05
N HIS A 74 4.96 4.63 10.01
CA HIS A 74 3.75 3.86 10.20
C HIS A 74 3.25 4.07 11.62
N PRO A 75 1.92 4.01 11.86
CA PRO A 75 1.43 4.18 13.24
C PRO A 75 2.12 3.29 14.25
N THR A 76 2.43 2.03 13.88
CA THR A 76 3.08 1.13 14.83
C THR A 76 4.50 1.49 15.22
N ARG A 77 5.12 2.37 14.41
CA ARG A 77 6.51 2.79 14.58
C ARG A 77 6.67 4.21 15.11
N CYS A 78 5.56 4.89 15.42
CA CYS A 78 5.62 6.29 15.82
C CYS A 78 6.28 6.59 17.14
N GLY A 79 6.64 5.56 17.91
CA GLY A 79 7.49 5.71 19.10
C GLY A 79 8.89 6.20 18.71
N GLU A 80 9.27 6.07 17.41
CA GLU A 80 10.58 6.51 16.93
C GLU A 80 10.77 8.03 16.98
N PHE A 81 9.67 8.80 17.00
CA PHE A 81 9.79 10.26 17.11
C PHE A 81 10.36 10.65 18.45
N GLU A 82 9.72 10.22 19.55
CA GLU A 82 10.23 10.56 20.87
C GLU A 82 11.59 9.92 21.15
N LYS A 83 11.81 8.70 20.65
CA LYS A 83 13.09 8.00 20.87
C LYS A 83 14.25 8.81 20.31
N ASN A 84 14.10 9.30 19.07
CA ASN A 84 15.15 10.00 18.35
C ASN A 84 15.22 11.53 18.43
N ASN A 85 14.22 12.15 19.06
CA ASN A 85 13.90 13.59 19.16
C ASN A 85 12.90 13.82 18.03
N PRO A 86 11.66 14.24 18.35
CA PRO A 86 10.64 14.34 17.29
C PRO A 86 10.96 15.29 16.14
N ASP A 87 11.53 16.47 16.45
CA ASP A 87 11.83 17.40 15.36
C ASP A 87 12.96 16.90 14.45
N LEU A 88 13.99 16.23 15.03
N LEU A 88 13.98 16.24 15.04
CA LEU A 88 15.09 15.64 14.26
CA LEU A 88 15.07 15.67 14.27
C LEU A 88 14.54 14.52 13.37
C LEU A 88 14.54 14.54 13.37
N TYR A 89 13.74 13.61 13.95
CA TYR A 89 13.20 12.49 13.20
C TYR A 89 12.34 12.95 12.03
N LEU A 90 11.50 13.98 12.26
N LEU A 90 11.50 13.98 12.24
CA LEU A 90 10.66 14.56 11.21
CA LEU A 90 10.67 14.52 11.17
C LEU A 90 11.56 15.12 10.10
C LEU A 90 11.52 15.19 10.08
N LYS A 91 12.60 15.88 10.48
CA LYS A 91 13.50 16.48 9.52
C LYS A 91 14.28 15.44 8.70
N GLU A 92 14.63 14.32 9.34
CA GLU A 92 15.32 13.24 8.62
C GLU A 92 14.39 12.64 7.56
N LEU A 93 13.11 12.46 7.89
CA LEU A 93 12.13 11.95 6.91
C LEU A 93 11.97 12.98 5.78
N LEU A 94 11.84 14.26 6.15
CA LEU A 94 11.70 15.32 5.16
C LEU A 94 12.86 15.36 4.17
N ASN A 95 14.09 15.30 4.68
CA ASN A 95 15.28 15.31 3.84
C ASN A 95 15.30 14.12 2.90
N LEU A 96 14.97 12.93 3.41
CA LEU A 96 14.97 11.75 2.58
C LEU A 96 13.98 11.89 1.39
N ALA A 97 12.78 12.44 1.64
CA ALA A 97 11.83 12.65 0.56
C ALA A 97 12.28 13.77 -0.42
N GLU A 98 12.66 14.94 0.10
CA GLU A 98 13.06 16.09 -0.72
C GLU A 98 14.31 15.87 -1.56
N ASN A 99 15.22 15.01 -1.10
CA ASN A 99 16.46 14.78 -1.85
C ASN A 99 16.32 13.69 -2.88
N ASN A 100 15.15 13.03 -2.92
CA ASN A 100 14.94 11.89 -3.80
C ASN A 100 13.65 11.97 -4.61
N LYS A 101 13.41 13.14 -5.23
CA LYS A 101 12.23 13.48 -6.04
C LYS A 101 11.87 12.54 -7.19
N GLY A 102 12.83 11.86 -7.78
CA GLY A 102 12.42 10.94 -8.86
C GLY A 102 11.69 9.69 -8.35
N LYS A 103 12.23 9.14 -7.30
CA LYS A 103 11.85 7.85 -6.73
C LYS A 103 10.82 7.91 -5.64
N VAL A 104 10.89 8.92 -4.76
CA VAL A 104 9.93 9.00 -3.67
C VAL A 104 8.68 9.69 -4.18
N VAL A 105 7.57 8.98 -4.18
CA VAL A 105 6.32 9.48 -4.77
C VAL A 105 5.20 9.73 -3.81
N ALA A 106 5.39 9.40 -2.54
CA ALA A 106 4.34 9.60 -1.54
C ALA A 106 4.92 9.76 -0.15
N ILE A 107 4.16 10.45 0.71
CA ILE A 107 4.40 10.50 2.13
C ILE A 107 3.57 9.38 2.75
N GLY A 108 4.23 8.55 3.51
CA GLY A 108 3.61 7.41 4.16
C GLY A 108 4.53 6.21 4.07
N GLU A 109 4.14 5.04 4.54
CA GLU A 109 2.81 4.76 5.10
C GLU A 109 2.59 5.42 6.46
N CYS A 110 1.50 6.16 6.61
CA CYS A 110 1.18 6.81 7.89
C CYS A 110 -0.34 6.73 8.09
N GLY A 111 -0.79 6.95 9.31
CA GLY A 111 -2.22 6.89 9.63
C GLY A 111 -2.39 6.34 11.02
N LEU A 112 -3.42 5.52 11.24
CA LEU A 112 -3.70 4.98 12.59
C LEU A 112 -4.02 3.51 12.52
N ASP A 113 -3.71 2.79 13.60
CA ASP A 113 -4.05 1.39 13.70
C ASP A 113 -4.31 1.07 15.16
N PHE A 114 -5.60 1.09 15.49
CA PHE A 114 -6.02 0.84 16.87
C PHE A 114 -6.18 -0.63 17.19
N ASP A 115 -5.75 -1.52 16.27
CA ASP A 115 -5.65 -2.94 16.55
C ASP A 115 -4.21 -3.26 16.88
N ARG A 116 -3.35 -2.25 16.93
CA ARG A 116 -1.92 -2.42 17.19
C ARG A 116 -1.41 -1.47 18.29
N LEU A 117 -2.27 -1.20 19.28
CA LEU A 117 -1.93 -0.34 20.41
C LEU A 117 -0.78 -0.91 21.24
N GLN A 118 -0.54 -2.24 21.15
CA GLN A 118 0.58 -2.87 21.85
C GLN A 118 1.95 -2.42 21.28
N PHE A 119 1.98 -1.88 20.04
CA PHE A 119 3.19 -1.36 19.42
C PHE A 119 3.35 0.15 19.57
N CYS A 120 2.24 0.88 19.63
CA CYS A 120 2.28 2.33 19.76
C CYS A 120 0.95 2.80 20.30
N PRO A 121 0.95 3.50 21.45
CA PRO A 121 -0.33 3.90 22.05
C PRO A 121 -1.08 4.92 21.22
N LYS A 122 -2.37 5.04 21.49
CA LYS A 122 -3.27 5.93 20.78
C LYS A 122 -2.79 7.38 20.75
N ASP A 123 -2.43 7.98 21.91
CA ASP A 123 -2.01 9.37 21.90
C ASP A 123 -0.81 9.63 21.00
N THR A 124 0.18 8.75 21.03
CA THR A 124 1.40 8.90 20.22
C THR A 124 1.02 8.74 18.75
N GLN A 125 0.16 7.73 18.45
CA GLN A 125 -0.27 7.54 17.06
C GLN A 125 -0.96 8.76 16.51
N LEU A 126 -1.89 9.36 17.29
CA LEU A 126 -2.61 10.53 16.82
C LEU A 126 -1.70 11.70 16.59
N LYS A 127 -0.79 11.96 17.55
CA LYS A 127 0.12 13.06 17.46
C LYS A 127 1.04 12.96 16.22
N TYR A 128 1.61 11.79 16.01
CA TYR A 128 2.61 11.64 14.95
C TYR A 128 2.09 11.34 13.58
N PHE A 129 0.81 10.92 13.49
CA PHE A 129 0.17 10.87 12.19
C PHE A 129 -0.05 12.32 11.79
N GLU A 130 -0.67 13.12 12.67
CA GLU A 130 -0.93 14.51 12.35
C GLU A 130 0.34 15.30 12.01
N LYS A 131 1.46 15.05 12.74
N LYS A 131 1.45 15.04 12.73
N LYS A 131 1.45 15.04 12.73
CA LYS A 131 2.74 15.75 12.49
CA LYS A 131 2.73 15.71 12.51
CA LYS A 131 2.71 15.74 12.46
C LYS A 131 3.25 15.51 11.07
C LYS A 131 3.28 15.48 11.09
C LYS A 131 3.17 15.54 11.03
N GLN A 132 2.89 14.36 10.46
CA GLN A 132 3.36 14.05 9.11
C GLN A 132 2.71 14.85 7.99
N PHE A 133 1.67 15.64 8.28
CA PHE A 133 1.14 16.59 7.33
C PHE A 133 2.17 17.70 7.09
N GLU A 134 3.18 17.87 7.98
CA GLU A 134 4.26 18.81 7.68
C GLU A 134 5.04 18.28 6.45
N LEU A 135 5.18 16.94 6.33
CA LEU A 135 5.90 16.35 5.20
C LEU A 135 5.11 16.53 3.93
N SER A 136 3.80 16.25 3.94
CA SER A 136 3.01 16.39 2.74
C SER A 136 2.92 17.86 2.30
N GLU A 137 2.77 18.79 3.27
N GLU A 137 2.78 18.80 3.25
CA GLU A 137 2.67 20.21 2.92
CA GLU A 137 2.66 20.19 2.83
C GLU A 137 3.94 20.73 2.27
C GLU A 137 3.94 20.77 2.24
N GLN A 138 5.10 20.33 2.81
N GLN A 138 5.10 20.35 2.75
CA GLN A 138 6.38 20.80 2.28
CA GLN A 138 6.36 20.86 2.24
C GLN A 138 6.84 20.15 1.00
C GLN A 138 6.75 20.18 0.92
N THR A 139 6.59 18.85 0.82
CA THR A 139 7.02 18.14 -0.37
C THR A 139 6.03 18.21 -1.50
N LYS A 140 4.75 18.53 -1.20
CA LYS A 140 3.63 18.51 -2.17
C LYS A 140 3.40 17.10 -2.73
N LEU A 141 3.82 16.08 -1.96
CA LEU A 141 3.58 14.70 -2.36
C LEU A 141 2.26 14.21 -1.79
N PRO A 142 1.55 13.36 -2.55
CA PRO A 142 0.31 12.77 -2.04
C PRO A 142 0.62 11.79 -0.89
N MET A 143 -0.41 11.41 -0.16
N MET A 143 -0.40 11.53 -0.05
CA MET A 143 -0.21 10.51 0.94
CA MET A 143 -0.35 10.66 1.13
C MET A 143 -0.63 9.11 0.66
C MET A 143 -0.72 9.18 0.79
N PHE A 144 0.00 8.20 1.39
CA PHE A 144 -0.26 6.76 1.32
C PHE A 144 -0.67 6.41 2.74
N LEU A 145 -1.97 6.24 2.95
CA LEU A 145 -2.57 6.18 4.29
C LEU A 145 -3.06 4.85 4.74
N HIS A 146 -2.95 4.61 6.07
N HIS A 146 -3.00 4.63 6.05
CA HIS A 146 -3.31 3.40 6.79
CA HIS A 146 -3.48 3.39 6.64
C HIS A 146 -4.43 3.71 7.79
C HIS A 146 -4.49 3.74 7.71
N CYS A 147 -5.52 2.92 7.81
CA CYS A 147 -6.57 3.09 8.81
C CYS A 147 -7.11 1.74 9.22
N ARG A 148 -6.96 1.39 10.50
CA ARG A 148 -7.57 0.17 11.03
C ARG A 148 -8.22 0.52 12.37
N ASN A 149 -9.51 0.16 12.54
CA ASN A 149 -10.27 0.35 13.78
C ASN A 149 -10.12 1.78 14.35
N SER A 150 -10.16 2.75 13.46
CA SER A 150 -9.89 4.15 13.82
C SER A 150 -10.51 5.16 12.89
N HIS A 151 -11.63 4.81 12.22
CA HIS A 151 -12.17 5.75 11.24
C HIS A 151 -12.44 7.14 11.76
N ALA A 152 -13.13 7.26 12.91
CA ALA A 152 -13.51 8.57 13.43
C ALA A 152 -12.30 9.47 13.66
N GLU A 153 -11.24 8.92 14.25
CA GLU A 153 -10.03 9.71 14.57
C GLU A 153 -9.25 10.01 13.32
N PHE A 154 -9.24 9.06 12.39
CA PHE A 154 -8.52 9.17 11.14
C PHE A 154 -9.18 10.23 10.29
N LEU A 155 -10.53 10.19 10.18
CA LEU A 155 -11.27 11.19 9.42
C LEU A 155 -11.08 12.58 10.02
N ASP A 156 -11.10 12.69 11.35
CA ASP A 156 -10.91 13.99 11.99
C ASP A 156 -9.56 14.61 11.60
N ILE A 157 -8.47 13.84 11.72
CA ILE A 157 -7.16 14.38 11.39
C ILE A 157 -7.06 14.71 9.90
N THR A 158 -7.54 13.81 9.04
N THR A 158 -7.54 13.80 9.01
CA THR A 158 -7.47 14.02 7.59
CA THR A 158 -7.46 14.04 7.56
C THR A 158 -8.31 15.19 7.12
C THR A 158 -8.31 15.19 7.10
N LYS A 159 -9.52 15.35 7.66
CA LYS A 159 -10.43 16.43 7.29
C LYS A 159 -9.85 17.76 7.75
N ARG A 160 -9.35 17.80 9.00
CA ARG A 160 -8.78 19.05 9.51
C ARG A 160 -7.54 19.50 8.73
N ASN A 161 -6.75 18.53 8.25
CA ASN A 161 -5.49 18.79 7.55
C ASN A 161 -5.53 18.56 6.04
N ARG A 162 -6.73 18.45 5.44
CA ARG A 162 -6.86 18.16 4.01
C ARG A 162 -6.14 19.13 3.09
N ASP A 163 -6.12 20.44 3.44
N ASP A 163 -6.14 20.45 3.39
CA ASP A 163 -5.45 21.50 2.68
CA ASP A 163 -5.43 21.42 2.55
C ASP A 163 -3.92 21.46 2.80
C ASP A 163 -3.89 21.29 2.63
N ARG A 164 -3.39 20.51 3.60
CA ARG A 164 -1.96 20.31 3.81
C ARG A 164 -1.40 19.13 3.02
N CYS A 165 -2.21 18.56 2.12
CA CYS A 165 -1.74 17.52 1.23
C CYS A 165 -2.42 17.70 -0.10
N VAL A 166 -1.75 17.29 -1.17
CA VAL A 166 -2.28 17.43 -2.52
C VAL A 166 -3.33 16.36 -2.87
N GLY A 167 -3.45 15.34 -2.05
CA GLY A 167 -4.34 14.21 -2.26
C GLY A 167 -3.74 12.96 -1.66
N GLY A 168 -4.35 11.84 -1.95
CA GLY A 168 -3.84 10.61 -1.42
C GLY A 168 -4.80 9.45 -1.51
N VAL A 169 -4.36 8.32 -0.97
CA VAL A 169 -5.14 7.09 -0.99
C VAL A 169 -5.21 6.49 0.42
N VAL A 170 -6.36 5.95 0.78
CA VAL A 170 -6.50 5.19 2.01
C VAL A 170 -6.37 3.75 1.54
N HIS A 171 -5.18 3.20 1.72
CA HIS A 171 -4.84 1.90 1.16
C HIS A 171 -5.31 0.76 2.02
N SER A 172 -5.43 -0.43 1.39
N SER A 172 -5.35 -0.48 1.47
CA SER A 172 -5.94 -1.67 1.98
CA SER A 172 -5.84 -1.65 2.23
C SER A 172 -7.18 -1.36 2.82
C SER A 172 -7.18 -1.29 2.92
N PHE A 173 -8.08 -0.61 2.22
CA PHE A 173 -9.27 -0.16 2.89
C PHE A 173 -10.15 -1.30 3.32
N ASP A 174 -10.68 -1.25 4.56
CA ASP A 174 -11.55 -2.32 5.01
C ASP A 174 -12.74 -1.82 5.85
N GLY A 175 -13.04 -0.54 5.67
CA GLY A 175 -14.09 0.14 6.43
C GLY A 175 -15.48 0.03 5.87
N THR A 176 -16.41 0.76 6.50
CA THR A 176 -17.83 0.71 6.13
C THR A 176 -18.13 1.57 4.90
N LYS A 177 -19.35 1.44 4.33
CA LYS A 177 -19.73 2.25 3.18
C LYS A 177 -19.76 3.72 3.60
N GLU A 178 -20.16 3.99 4.86
CA GLU A 178 -20.20 5.38 5.33
C GLU A 178 -18.78 5.94 5.43
N ALA A 179 -17.84 5.11 5.92
CA ALA A 179 -16.45 5.55 6.03
C ALA A 179 -15.90 5.85 4.62
N ALA A 180 -16.12 4.94 3.66
CA ALA A 180 -15.65 5.16 2.28
C ALA A 180 -16.26 6.44 1.68
N ALA A 181 -17.56 6.70 1.90
CA ALA A 181 -18.20 7.91 1.34
C ALA A 181 -17.61 9.16 1.99
N ALA A 182 -17.29 9.11 3.30
CA ALA A 182 -16.69 10.28 3.95
C ALA A 182 -15.29 10.57 3.39
N LEU A 183 -14.52 9.51 3.09
CA LEU A 183 -13.18 9.69 2.54
C LEU A 183 -13.24 10.21 1.11
N ILE A 184 -14.18 9.71 0.30
N ILE A 184 -14.22 9.70 0.33
CA ILE A 184 -14.30 10.21 -1.08
CA ILE A 184 -14.48 10.11 -1.05
C ILE A 184 -14.77 11.67 -1.08
C ILE A 184 -14.82 11.61 -1.08
N ASP A 185 -15.59 12.07 -0.08
CA ASP A 185 -16.02 13.47 0.03
C ASP A 185 -14.85 14.42 0.31
N LEU A 186 -13.72 13.90 0.86
CA LEU A 186 -12.50 14.67 1.06
C LEU A 186 -11.59 14.61 -0.15
N ASP A 187 -12.09 14.11 -1.30
N ASP A 187 -12.08 14.07 -1.29
CA ASP A 187 -11.32 13.96 -2.53
CA ASP A 187 -11.34 13.94 -2.55
C ASP A 187 -10.07 13.11 -2.29
C ASP A 187 -10.13 13.02 -2.43
N LEU A 188 -10.29 11.95 -1.65
CA LEU A 188 -9.26 10.90 -1.44
C LEU A 188 -9.69 9.68 -2.23
N TYR A 189 -8.72 8.82 -2.53
CA TYR A 189 -8.93 7.58 -3.23
C TYR A 189 -8.92 6.41 -2.24
N ILE A 190 -9.47 5.25 -2.67
N ILE A 190 -9.41 5.27 -2.67
CA ILE A 190 -9.63 4.04 -1.86
CA ILE A 190 -9.51 4.12 -1.82
C ILE A 190 -8.89 2.87 -2.51
C ILE A 190 -8.80 2.97 -2.53
N GLY A 191 -7.89 2.32 -1.82
CA GLY A 191 -7.11 1.22 -2.34
C GLY A 191 -7.60 -0.12 -1.88
N PHE A 192 -7.60 -1.10 -2.79
CA PHE A 192 -8.01 -2.46 -2.50
C PHE A 192 -6.90 -3.46 -2.74
N ASN A 193 -6.59 -4.25 -1.73
CA ASN A 193 -5.75 -5.45 -1.88
C ASN A 193 -6.56 -6.64 -1.35
N GLY A 194 -5.94 -7.81 -1.24
CA GLY A 194 -6.66 -8.98 -0.73
C GLY A 194 -7.23 -8.76 0.67
N CYS A 195 -6.55 -7.97 1.51
CA CYS A 195 -7.04 -7.71 2.86
C CYS A 195 -8.27 -6.80 2.87
N SER A 196 -8.61 -6.18 1.75
CA SER A 196 -9.81 -5.36 1.62
C SER A 196 -11.02 -6.18 1.19
N LEU A 197 -10.85 -7.48 0.91
CA LEU A 197 -11.85 -8.28 0.26
C LEU A 197 -12.21 -9.53 1.00
N LYS A 198 -11.85 -9.60 2.30
CA LYS A 198 -12.05 -10.84 3.05
C LYS A 198 -13.49 -11.16 3.39
N THR A 199 -14.31 -10.16 3.68
CA THR A 199 -15.68 -10.42 4.13
C THR A 199 -16.73 -10.11 3.09
N GLU A 200 -17.94 -10.61 3.31
CA GLU A 200 -19.03 -10.29 2.41
C GLU A 200 -19.33 -8.81 2.49
N ALA A 201 -19.26 -8.21 3.70
CA ALA A 201 -19.50 -6.79 3.84
C ALA A 201 -18.45 -5.99 3.05
N ASN A 202 -17.18 -6.45 3.00
CA ASN A 202 -16.17 -5.75 2.21
C ASN A 202 -16.56 -5.71 0.73
N LEU A 203 -17.09 -6.81 0.20
CA LEU A 203 -17.51 -6.84 -1.21
C LEU A 203 -18.63 -5.85 -1.44
N GLU A 204 -19.59 -5.74 -0.50
CA GLU A 204 -20.69 -4.80 -0.66
C GLU A 204 -20.18 -3.38 -0.62
N VAL A 205 -19.20 -3.09 0.26
CA VAL A 205 -18.63 -1.76 0.32
C VAL A 205 -17.95 -1.42 -1.00
N LEU A 206 -17.19 -2.36 -1.58
CA LEU A 206 -16.53 -2.09 -2.85
C LEU A 206 -17.54 -1.62 -3.93
N LYS A 207 -18.71 -2.25 -3.99
CA LYS A 207 -19.72 -1.92 -4.99
C LYS A 207 -20.15 -0.47 -4.91
N SER A 208 -20.10 0.12 -3.69
CA SER A 208 -20.60 1.49 -3.45
C SER A 208 -19.62 2.60 -3.87
N ILE A 209 -18.40 2.24 -4.24
CA ILE A 209 -17.37 3.24 -4.56
C ILE A 209 -17.33 3.51 -6.04
N PRO A 210 -17.30 4.79 -6.46
CA PRO A 210 -17.16 5.07 -7.89
C PRO A 210 -15.81 4.56 -8.41
N SER A 211 -15.77 3.93 -9.60
N SER A 211 -15.81 4.00 -9.64
CA SER A 211 -14.49 3.38 -10.10
CA SER A 211 -14.62 3.44 -10.27
C SER A 211 -13.39 4.44 -10.28
C SER A 211 -13.45 4.43 -10.34
N GLU A 212 -13.77 5.73 -10.51
CA GLU A 212 -12.76 6.79 -10.63
C GLU A 212 -12.05 7.12 -9.33
N LYS A 213 -12.43 6.46 -8.20
CA LYS A 213 -11.76 6.68 -6.94
C LYS A 213 -11.04 5.46 -6.39
N LEU A 214 -10.94 4.40 -7.19
CA LEU A 214 -10.28 3.17 -6.76
C LEU A 214 -8.84 3.03 -7.20
N MET A 215 -8.04 2.32 -6.40
CA MET A 215 -6.70 1.88 -6.77
C MET A 215 -6.55 0.42 -6.35
N ILE A 216 -5.53 -0.23 -6.86
CA ILE A 216 -5.29 -1.66 -6.63
C ILE A 216 -3.86 -1.90 -6.15
N GLU A 217 -3.68 -2.98 -5.43
CA GLU A 217 -2.43 -3.30 -4.76
C GLU A 217 -2.44 -4.72 -4.30
N THR A 218 -1.27 -5.22 -3.86
CA THR A 218 -1.21 -6.59 -3.31
C THR A 218 -0.83 -6.65 -1.86
N ASP A 219 0.02 -5.74 -1.39
CA ASP A 219 0.68 -5.87 -0.09
C ASP A 219 1.55 -7.14 -0.01
N ALA A 220 1.97 -7.68 -1.17
CA ALA A 220 2.76 -8.90 -1.14
C ALA A 220 4.03 -8.67 -0.30
N PRO A 221 4.46 -9.66 0.51
CA PRO A 221 4.03 -11.07 0.52
C PRO A 221 2.80 -11.41 1.33
N TRP A 222 2.16 -10.37 1.88
CA TRP A 222 0.95 -10.52 2.68
C TRP A 222 -0.29 -10.40 1.81
N CYS A 223 -1.46 -10.60 2.46
CA CYS A 223 -2.75 -10.38 1.85
C CYS A 223 -3.05 -11.29 0.68
N GLY A 224 -2.42 -12.47 0.63
CA GLY A 224 -2.80 -13.44 -0.40
C GLY A 224 -4.24 -13.89 -0.17
N VAL A 225 -4.99 -14.06 -1.24
CA VAL A 225 -6.40 -14.43 -1.10
C VAL A 225 -6.51 -15.89 -0.72
N LYS A 226 -7.31 -16.21 0.30
CA LYS A 226 -7.52 -17.56 0.80
C LYS A 226 -8.90 -18.02 0.48
N SER A 227 -9.16 -19.33 0.49
CA SER A 227 -10.51 -19.84 0.18
C SER A 227 -11.57 -19.39 1.17
N THR A 228 -11.15 -19.05 2.39
CA THR A 228 -12.08 -18.55 3.40
C THR A 228 -12.52 -17.09 3.15
N HIS A 229 -11.89 -16.42 2.20
CA HIS A 229 -12.23 -15.03 1.88
C HIS A 229 -13.39 -15.00 0.92
N ALA A 230 -14.27 -14.00 1.12
CA ALA A 230 -15.51 -13.91 0.39
C ALA A 230 -15.40 -13.81 -1.11
N GLY A 231 -14.32 -13.24 -1.61
CA GLY A 231 -14.16 -13.08 -3.05
C GLY A 231 -13.35 -14.15 -3.74
N SER A 232 -12.81 -15.13 -3.00
N SER A 232 -12.87 -15.16 -3.00
CA SER A 232 -11.90 -16.12 -3.59
CA SER A 232 -12.00 -16.18 -3.57
C SER A 232 -12.45 -16.91 -4.78
C SER A 232 -12.63 -16.91 -4.74
N LYS A 233 -13.75 -17.21 -4.76
N LYS A 233 -13.96 -17.11 -4.70
CA LYS A 233 -14.46 -17.92 -5.81
CA LYS A 233 -14.74 -17.76 -5.74
C LYS A 233 -14.30 -17.21 -7.17
C LYS A 233 -14.62 -17.11 -7.13
N TYR A 234 -14.14 -15.86 -7.17
CA TYR A 234 -14.02 -15.11 -8.42
C TYR A 234 -12.64 -15.14 -9.04
N ILE A 235 -11.63 -15.62 -8.34
CA ILE A 235 -10.30 -15.67 -8.95
C ILE A 235 -10.31 -16.72 -10.09
N ARG A 236 -9.75 -16.35 -11.23
CA ARG A 236 -9.64 -17.22 -12.40
C ARG A 236 -8.20 -17.52 -12.80
N THR A 237 -7.29 -16.59 -12.59
CA THR A 237 -5.90 -16.78 -12.99
C THR A 237 -5.07 -17.33 -11.88
N ALA A 238 -4.46 -18.50 -12.12
CA ALA A 238 -3.61 -19.19 -11.15
C ALA A 238 -2.18 -19.22 -11.66
N PHE A 239 -1.24 -19.44 -10.75
CA PHE A 239 0.17 -19.56 -11.06
C PHE A 239 0.72 -20.87 -10.58
N PRO A 240 1.68 -21.51 -11.31
N PRO A 240 1.73 -21.46 -11.29
CA PRO A 240 2.28 -22.75 -10.80
CA PRO A 240 2.33 -22.70 -10.80
C PRO A 240 2.92 -22.48 -9.45
C PRO A 240 2.95 -22.47 -9.43
N THR A 241 2.58 -23.30 -8.46
CA THR A 241 2.98 -23.12 -7.07
C THR A 241 3.43 -24.43 -6.45
N LYS A 242 4.43 -24.37 -5.56
CA LYS A 242 4.97 -25.54 -4.84
C LYS A 242 5.10 -25.17 -3.38
N LYS A 243 4.92 -26.15 -2.49
CA LYS A 243 5.04 -25.91 -1.05
C LYS A 243 6.51 -25.79 -0.63
N LYS A 244 7.39 -26.55 -1.29
CA LYS A 244 8.85 -26.42 -1.07
C LYS A 244 9.37 -25.76 -2.36
N TRP A 245 10.10 -24.68 -2.21
CA TRP A 245 10.54 -23.86 -3.35
C TRP A 245 11.09 -24.61 -4.54
N GLU A 246 10.62 -24.24 -5.73
N GLU A 246 10.55 -24.31 -5.74
CA GLU A 246 11.13 -24.76 -6.98
CA GLU A 246 10.99 -24.85 -7.04
C GLU A 246 11.22 -23.62 -7.96
C GLU A 246 11.15 -23.67 -8.02
N SER A 247 12.25 -23.66 -8.80
CA SER A 247 12.50 -22.65 -9.83
C SER A 247 11.28 -22.56 -10.75
N GLY A 248 10.89 -21.34 -11.09
CA GLY A 248 9.74 -21.07 -11.96
C GLY A 248 8.39 -21.22 -11.32
N HIS A 249 8.35 -21.43 -10.00
CA HIS A 249 7.09 -21.59 -9.28
C HIS A 249 6.98 -20.61 -8.17
N CYS A 250 5.75 -20.16 -7.89
CA CYS A 250 5.42 -19.42 -6.70
C CYS A 250 5.56 -20.36 -5.53
N LEU A 251 5.73 -19.80 -4.35
CA LEU A 251 5.87 -20.57 -3.13
C LEU A 251 4.54 -20.50 -2.44
N LYS A 252 3.99 -21.67 -2.09
N LYS A 252 3.99 -21.67 -2.09
CA LYS A 252 2.72 -21.76 -1.39
CA LYS A 252 2.72 -21.74 -1.40
C LYS A 252 2.70 -20.83 -0.17
C LYS A 252 2.71 -20.82 -0.18
N ASP A 253 1.64 -20.02 -0.09
CA ASP A 253 1.44 -19.08 1.01
C ASP A 253 2.29 -17.79 1.03
N ARG A 254 3.12 -17.58 0.00
CA ARG A 254 3.83 -16.35 -0.15
C ARG A 254 3.17 -15.60 -1.31
N ASN A 255 2.49 -14.49 -1.00
CA ASN A 255 1.86 -13.71 -2.06
C ASN A 255 2.92 -12.93 -2.84
N GLU A 256 2.61 -12.65 -4.11
CA GLU A 256 3.54 -11.93 -4.95
C GLU A 256 2.86 -10.79 -5.71
N PRO A 257 3.64 -9.85 -6.26
CA PRO A 257 3.02 -8.80 -7.09
C PRO A 257 2.25 -9.36 -8.30
N CYS A 258 2.65 -10.54 -8.85
CA CYS A 258 1.88 -11.10 -9.98
C CYS A 258 0.43 -11.41 -9.61
N HIS A 259 0.18 -11.63 -8.31
CA HIS A 259 -1.17 -11.97 -7.85
C HIS A 259 -2.12 -10.78 -7.88
N ILE A 260 -1.64 -9.60 -8.28
CA ILE A 260 -2.55 -8.47 -8.45
C ILE A 260 -3.65 -8.78 -9.44
N ILE A 261 -3.38 -9.68 -10.41
CA ILE A 261 -4.44 -10.07 -11.32
C ILE A 261 -5.60 -10.72 -10.60
N GLN A 262 -5.33 -11.46 -9.54
CA GLN A 262 -6.41 -12.10 -8.81
C GLN A 262 -7.29 -11.07 -8.11
N ILE A 263 -6.68 -9.97 -7.58
CA ILE A 263 -7.44 -8.89 -6.97
C ILE A 263 -8.30 -8.23 -8.02
N LEU A 264 -7.75 -8.02 -9.23
CA LEU A 264 -8.52 -7.41 -10.30
C LEU A 264 -9.72 -8.29 -10.66
N GLU A 265 -9.50 -9.60 -10.74
CA GLU A 265 -10.59 -10.53 -11.10
C GLU A 265 -11.71 -10.48 -10.06
N ILE A 266 -11.35 -10.40 -8.78
CA ILE A 266 -12.35 -10.29 -7.72
C ILE A 266 -13.10 -8.95 -7.88
N MET A 267 -12.37 -7.82 -7.98
CA MET A 267 -13.02 -6.51 -8.01
C MET A 267 -13.97 -6.39 -9.20
N SER A 268 -13.53 -6.87 -10.36
CA SER A 268 -14.34 -6.76 -11.57
C SER A 268 -15.56 -7.69 -11.50
N ALA A 269 -15.42 -8.90 -10.98
CA ALA A 269 -16.58 -9.79 -10.85
C ALA A 269 -17.59 -9.22 -9.82
N VAL A 270 -17.10 -8.70 -8.70
CA VAL A 270 -17.99 -8.14 -7.67
C VAL A 270 -18.79 -6.98 -8.21
N ARG A 271 -18.13 -6.10 -8.96
CA ARG A 271 -18.73 -4.91 -9.51
C ARG A 271 -19.46 -5.16 -10.79
N ASP A 272 -19.38 -6.38 -11.34
CA ASP A 272 -19.92 -6.72 -12.66
C ASP A 272 -19.45 -5.72 -13.72
N GLU A 273 -18.12 -5.61 -13.84
CA GLU A 273 -17.52 -4.71 -14.80
C GLU A 273 -16.53 -5.50 -15.62
N ASP A 274 -16.32 -5.06 -16.87
CA ASP A 274 -15.32 -5.71 -17.67
C ASP A 274 -13.94 -5.64 -16.99
N PRO A 275 -13.22 -6.77 -16.89
CA PRO A 275 -11.92 -6.72 -16.21
C PRO A 275 -10.92 -5.71 -16.76
N LEU A 276 -10.73 -5.66 -18.09
CA LEU A 276 -9.78 -4.69 -18.64
C LEU A 276 -10.27 -3.27 -18.45
N GLU A 277 -11.58 -3.02 -18.63
CA GLU A 277 -12.04 -1.64 -18.44
C GLU A 277 -11.70 -1.17 -17.01
N LEU A 278 -11.99 -2.03 -16.02
CA LEU A 278 -11.69 -1.65 -14.64
C LEU A 278 -10.18 -1.52 -14.41
N ALA A 279 -9.40 -2.45 -14.94
CA ALA A 279 -7.93 -2.37 -14.80
C ALA A 279 -7.39 -1.07 -15.38
N ASN A 280 -7.92 -0.67 -16.54
CA ASN A 280 -7.45 0.57 -17.14
C ASN A 280 -7.81 1.78 -16.28
N THR A 281 -9.03 1.81 -15.73
CA THR A 281 -9.45 2.90 -14.84
C THR A 281 -8.54 2.97 -13.61
N LEU A 282 -8.28 1.81 -12.96
CA LEU A 282 -7.41 1.75 -11.78
C LEU A 282 -6.03 2.33 -12.10
N TYR A 283 -5.48 1.94 -13.25
CA TYR A 283 -4.19 2.42 -13.70
C TYR A 283 -4.20 3.95 -13.87
N ASN A 284 -5.20 4.46 -14.60
CA ASN A 284 -5.32 5.89 -14.85
C ASN A 284 -5.49 6.68 -13.56
N ASN A 285 -6.29 6.17 -12.60
CA ASN A 285 -6.44 6.85 -11.32
C ASN A 285 -5.11 6.97 -10.59
N THR A 286 -4.32 5.88 -10.67
CA THR A 286 -3.04 5.83 -9.99
C THR A 286 -2.03 6.81 -10.60
N ILE A 287 -2.00 6.87 -11.94
CA ILE A 287 -1.16 7.86 -12.63
C ILE A 287 -1.56 9.26 -12.19
N LYS A 288 -2.85 9.57 -12.17
CA LYS A 288 -3.30 10.92 -11.86
C LYS A 288 -2.80 11.36 -10.49
N VAL A 289 -2.84 10.49 -9.49
CA VAL A 289 -2.46 10.84 -8.14
C VAL A 289 -0.96 10.78 -7.91
N PHE A 290 -0.32 9.70 -8.32
CA PHE A 290 1.06 9.44 -7.98
C PHE A 290 2.09 9.75 -9.06
N PHE A 291 1.67 9.81 -10.34
CA PHE A 291 2.62 10.00 -11.45
C PHE A 291 2.09 11.03 -12.46
N PRO A 292 1.57 12.20 -12.02
CA PRO A 292 0.94 13.09 -13.01
C PRO A 292 1.87 13.81 -13.98
N VAL A 293 3.16 13.91 -13.64
CA VAL A 293 4.13 14.61 -14.49
C VAL A 293 4.87 13.65 -15.43
#